data_2XUV
#
_entry.id   2XUV
#
_cell.length_a   100.920
_cell.length_b   86.500
_cell.length_c   48.500
_cell.angle_alpha   90.00
_cell.angle_beta   112.54
_cell.angle_gamma   90.00
#
_symmetry.space_group_name_H-M   'C 1 2 1'
#
loop_
_entity.id
_entity.type
_entity.pdbx_description
1 polymer HDEB
2 non-polymer 'SULFATE ION'
3 water water
#
_entity_poly.entity_id   1
_entity_poly.type   'polypeptide(L)'
_entity_poly.pdbx_seq_one_letter_code
;ANESA(MLY)DMTCQEFIDLNP(MLY)AMTPVAWWMLHEETVY(MLY)GGDTVTLNETDLTQIP(MLY)VIEYC(MLY)
(MLY)NPQ(MLY)NLYTF(MLY)NQASNDLPN
;
_entity_poly.pdbx_strand_id   A,B,C,D
#
loop_
_chem_comp.id
_chem_comp.type
_chem_comp.name
_chem_comp.formula
SO4 non-polymer 'SULFATE ION' 'O4 S -2'
#
# COMPACT_ATOMS: atom_id res chain seq x y z
N GLU A 3 -2.10 -13.06 -9.03
CA GLU A 3 -2.13 -11.57 -9.09
C GLU A 3 -3.54 -11.07 -9.36
N SER A 4 -4.53 -11.78 -8.86
CA SER A 4 -5.93 -11.40 -9.02
C SER A 4 -6.35 -10.69 -7.77
N ALA A 5 -7.45 -9.95 -7.86
CA ALA A 5 -8.01 -9.32 -6.69
C ALA A 5 -8.28 -10.31 -5.55
N MLY A 6 -8.67 -11.55 -5.85
CA MLY A 6 -8.95 -12.51 -4.81
CB MLY A 6 -9.67 -13.78 -5.35
CG MLY A 6 -8.80 -14.76 -6.10
CD MLY A 6 -9.60 -15.92 -6.69
CE MLY A 6 -8.68 -16.94 -7.32
NZ MLY A 6 -9.40 -18.12 -7.84
C MLY A 6 -7.70 -12.91 -4.02
O MLY A 6 -7.78 -13.54 -2.98
N ASP A 7 -6.53 -12.57 -4.56
CA ASP A 7 -5.27 -12.83 -3.89
C ASP A 7 -4.83 -11.69 -3.00
N MET A 8 -5.53 -10.57 -3.03
CA MET A 8 -5.11 -9.37 -2.30
C MET A 8 -5.38 -9.51 -0.81
N THR A 9 -4.38 -9.19 0.02
CA THR A 9 -4.63 -9.21 1.45
C THR A 9 -5.31 -7.94 1.90
N CYS A 10 -5.90 -7.98 3.09
CA CYS A 10 -6.47 -6.77 3.68
C CYS A 10 -5.44 -5.65 3.84
N GLN A 11 -4.21 -6.00 4.22
CA GLN A 11 -3.14 -5.00 4.32
C GLN A 11 -2.90 -4.35 2.97
N GLU A 12 -2.80 -5.17 1.91
CA GLU A 12 -2.60 -4.61 0.58
C GLU A 12 -3.74 -3.68 0.20
N PHE A 13 -4.96 -4.05 0.58
CA PHE A 13 -6.13 -3.24 0.25
C PHE A 13 -6.05 -1.87 0.95
N ILE A 14 -5.78 -1.85 2.25
CA ILE A 14 -5.78 -0.56 2.95
C ILE A 14 -4.58 0.31 2.52
N ASP A 15 -3.54 -0.31 1.96
CA ASP A 15 -2.38 0.42 1.42
C ASP A 15 -2.56 0.89 -0.02
N LEU A 16 -3.64 0.50 -0.72
CA LEU A 16 -3.77 0.88 -2.12
C LEU A 16 -3.76 2.39 -2.27
N ASN A 17 -3.30 2.84 -3.42
CA ASN A 17 -3.57 4.21 -3.80
C ASN A 17 -5.05 4.47 -3.51
N PRO A 18 -5.38 5.52 -2.73
CA PRO A 18 -6.79 5.77 -2.42
C PRO A 18 -7.72 5.83 -3.63
N MLY A 19 -7.20 6.25 -4.78
CA MLY A 19 -7.94 6.30 -6.02
CB MLY A 19 -7.16 7.17 -7.02
CG MLY A 19 -6.89 8.61 -6.54
CD MLY A 19 -5.92 9.34 -7.46
CE MLY A 19 -5.44 10.61 -6.74
NZ MLY A 19 -4.28 11.19 -7.42
CH1 MLY A 19 -3.66 12.16 -6.52
CH2 MLY A 19 -4.71 11.90 -8.64
C MLY A 19 -8.25 4.94 -6.62
O MLY A 19 -8.99 4.85 -7.59
N ALA A 20 -7.69 3.87 -6.03
CA ALA A 20 -7.99 2.49 -6.44
C ALA A 20 -8.93 1.78 -5.48
N MET A 21 -9.14 2.30 -4.28
CA MET A 21 -9.84 1.53 -3.25
CA MET A 21 -9.87 1.55 -3.24
C MET A 21 -11.32 1.31 -3.58
N THR A 22 -11.98 2.31 -4.14
CA THR A 22 -13.40 2.13 -4.46
C THR A 22 -13.62 1.10 -5.57
N PRO A 23 -12.88 1.21 -6.70
CA PRO A 23 -13.05 0.15 -7.71
C PRO A 23 -12.72 -1.24 -7.18
N VAL A 24 -11.66 -1.38 -6.39
CA VAL A 24 -11.27 -2.71 -5.90
C VAL A 24 -12.31 -3.26 -4.94
N ALA A 25 -12.79 -2.44 -4.02
CA ALA A 25 -13.84 -2.87 -3.11
C ALA A 25 -15.12 -3.25 -3.85
N TRP A 26 -15.51 -2.42 -4.80
CA TRP A 26 -16.69 -2.68 -5.62
C TRP A 26 -16.59 -4.03 -6.31
N TRP A 27 -15.43 -4.27 -6.93
CA TRP A 27 -15.23 -5.52 -7.63
C TRP A 27 -15.34 -6.73 -6.68
N MET A 28 -14.71 -6.64 -5.52
CA MET A 28 -14.80 -7.72 -4.54
C MET A 28 -16.26 -7.97 -4.13
N LEU A 29 -17.02 -6.90 -3.92
CA LEU A 29 -18.40 -7.01 -3.45
C LEU A 29 -19.37 -7.47 -4.53
N HIS A 30 -19.06 -7.20 -5.79
CA HIS A 30 -19.99 -7.41 -6.90
C HIS A 30 -19.64 -8.49 -7.93
N GLU A 31 -18.37 -8.78 -8.13
CA GLU A 31 -18.03 -9.75 -9.17
C GLU A 31 -18.60 -11.10 -8.80
N GLU A 32 -19.14 -11.77 -9.82
CA GLU A 32 -19.78 -13.10 -9.70
C GLU A 32 -21.02 -13.11 -8.80
N THR A 33 -21.64 -11.94 -8.68
CA THR A 33 -22.97 -11.76 -8.07
C THR A 33 -23.91 -11.13 -9.08
N VAL A 34 -25.21 -11.22 -8.83
CA VAL A 34 -26.24 -10.63 -9.69
C VAL A 34 -26.16 -9.10 -9.60
N TYR A 35 -26.15 -8.35 -10.73
CA TYR A 35 -26.13 -6.87 -10.63
C TYR A 35 -27.57 -6.42 -10.38
N MLY A 36 -27.75 -5.71 -9.28
CA MLY A 36 -29.06 -5.24 -8.86
CB MLY A 36 -29.32 -5.73 -7.44
CG MLY A 36 -29.23 -7.24 -7.29
CD MLY A 36 -29.40 -7.67 -5.83
CE MLY A 36 -29.55 -9.18 -5.71
NZ MLY A 36 -29.87 -9.63 -4.32
C MLY A 36 -29.12 -3.72 -8.88
O MLY A 36 -30.08 -3.15 -8.37
N GLY A 37 -28.12 -3.05 -9.47
CA GLY A 37 -27.95 -1.61 -9.28
C GLY A 37 -28.61 -0.67 -10.27
N GLY A 38 -29.33 -1.22 -11.25
CA GLY A 38 -30.09 -0.43 -12.22
C GLY A 38 -29.55 -0.47 -13.64
N ASP A 39 -30.07 0.43 -14.47
CA ASP A 39 -29.75 0.43 -15.91
CA ASP A 39 -29.76 0.44 -15.92
C ASP A 39 -28.27 0.70 -16.22
N THR A 40 -27.65 1.54 -15.41
CA THR A 40 -26.24 1.87 -15.65
C THR A 40 -25.42 1.43 -14.46
N VAL A 41 -24.14 1.20 -14.71
CA VAL A 41 -23.23 0.77 -13.67
C VAL A 41 -22.83 1.97 -12.84
N THR A 42 -23.19 1.95 -11.56
CA THR A 42 -22.91 3.06 -10.67
C THR A 42 -22.80 2.55 -9.24
N LEU A 43 -22.19 3.36 -8.38
CA LEU A 43 -22.26 3.11 -6.95
C LEU A 43 -23.71 3.28 -6.50
N ASN A 44 -24.08 2.52 -5.47
N ASN A 44 -24.13 2.42 -5.56
CA ASN A 44 -25.41 2.59 -4.92
CA ASN A 44 -25.46 2.48 -4.96
C ASN A 44 -25.34 2.53 -3.41
C ASN A 44 -25.36 2.51 -3.44
N GLU A 45 -26.48 2.58 -2.75
CA GLU A 45 -26.45 2.73 -1.30
C GLU A 45 -25.78 1.53 -0.61
N THR A 46 -25.96 0.33 -1.17
CA THR A 46 -25.29 -0.87 -0.65
CA THR A 46 -25.30 -0.81 -0.55
C THR A 46 -23.79 -0.65 -0.54
N ASP A 47 -23.22 0.01 -1.55
CA ASP A 47 -21.79 0.27 -1.57
C ASP A 47 -21.38 1.31 -0.54
N LEU A 48 -22.24 2.31 -0.36
CA LEU A 48 -22.01 3.35 0.64
CA LEU A 48 -21.96 3.35 0.63
C LEU A 48 -21.92 2.75 2.03
N THR A 49 -22.76 1.75 2.30
CA THR A 49 -22.71 1.12 3.60
CA THR A 49 -22.80 1.01 3.56
C THR A 49 -21.65 0.03 3.70
N GLN A 50 -21.44 -0.76 2.65
CA GLN A 50 -20.47 -1.87 2.73
CA GLN A 50 -20.48 -1.87 2.72
C GLN A 50 -19.02 -1.46 2.60
N ILE A 51 -18.70 -0.51 1.72
CA ILE A 51 -17.28 -0.21 1.50
C ILE A 51 -16.56 0.28 2.76
N PRO A 52 -17.17 1.19 3.55
CA PRO A 52 -16.55 1.52 4.84
C PRO A 52 -16.37 0.32 5.77
N MLY A 53 -17.30 -0.62 5.74
CA MLY A 53 -17.16 -1.83 6.52
CB MLY A 53 -18.47 -2.64 6.50
CG MLY A 53 -19.60 -1.98 7.22
CD MLY A 53 -20.84 -2.88 7.32
CE MLY A 53 -22.03 -2.17 7.90
NZ MLY A 53 -23.16 -3.12 8.16
C MLY A 53 -15.99 -2.69 6.04
O MLY A 53 -15.33 -3.32 6.86
N VAL A 54 -15.75 -2.72 4.75
CA VAL A 54 -14.62 -3.46 4.19
C VAL A 54 -13.32 -2.86 4.73
N ILE A 55 -13.23 -1.54 4.71
CA ILE A 55 -12.03 -0.85 5.16
C ILE A 55 -11.78 -1.14 6.64
N GLU A 56 -12.83 -1.06 7.45
CA GLU A 56 -12.71 -1.34 8.89
C GLU A 56 -12.35 -2.80 9.14
N TYR A 57 -12.98 -3.71 8.41
CA TYR A 57 -12.70 -5.14 8.52
C TYR A 57 -11.22 -5.42 8.24
N CYS A 58 -10.72 -4.79 7.19
CA CYS A 58 -9.35 -5.02 6.78
C CYS A 58 -8.33 -4.40 7.74
N MLY A 59 -8.66 -3.27 8.36
CA MLY A 59 -7.81 -2.70 9.41
CB MLY A 59 -8.30 -1.31 9.83
CG MLY A 59 -7.93 -0.29 8.75
CD MLY A 59 -8.43 1.13 9.05
CE MLY A 59 -7.65 2.12 8.17
NZ MLY A 59 -8.25 3.46 7.98
CH1 MLY A 59 -7.23 4.52 7.88
CH2 MLY A 59 -9.35 3.81 8.90
C MLY A 59 -7.74 -3.62 10.59
O MLY A 59 -6.68 -3.78 11.20
N MLY A 60 -8.85 -4.25 10.95
CA MLY A 60 -8.85 -5.16 12.08
CB MLY A 60 -10.27 -5.28 12.66
CG MLY A 60 -10.78 -3.97 13.28
CD MLY A 60 -9.93 -3.46 14.43
CE MLY A 60 -10.57 -2.33 15.21
NZ MLY A 60 -10.84 -1.11 14.40
C MLY A 60 -8.25 -6.52 11.77
O MLY A 60 -7.77 -7.19 12.68
N ASN A 61 -8.21 -6.89 10.48
CA ASN A 61 -7.75 -8.22 10.07
C ASN A 61 -6.79 -8.14 8.89
N PRO A 62 -5.65 -7.46 9.08
CA PRO A 62 -4.82 -7.13 7.93
C PRO A 62 -4.17 -8.33 7.27
N GLN A 63 -4.03 -9.42 8.01
CA GLN A 63 -3.41 -10.61 7.49
C GLN A 63 -4.38 -11.47 6.68
N MLY A 64 -5.68 -11.24 6.85
CA MLY A 64 -6.67 -12.03 6.10
CB MLY A 64 -8.03 -11.96 6.76
CG MLY A 64 -8.04 -12.61 8.13
CD MLY A 64 -9.48 -12.79 8.61
CE MLY A 64 -9.55 -13.37 10.02
NZ MLY A 64 -10.92 -13.73 10.42
CH1 MLY A 64 -11.42 -14.93 9.71
CH2 MLY A 64 -11.90 -12.65 10.28
C MLY A 64 -6.79 -11.51 4.70
O MLY A 64 -6.50 -10.34 4.44
N ASN A 65 -7.23 -12.37 3.78
CA ASN A 65 -7.47 -11.92 2.40
C ASN A 65 -8.68 -11.01 2.37
N LEU A 66 -8.61 -9.99 1.53
CA LEU A 66 -9.71 -9.05 1.30
C LEU A 66 -11.05 -9.79 1.09
N TYR A 67 -11.02 -10.85 0.28
CA TYR A 67 -12.26 -11.54 -0.11
C TYR A 67 -12.91 -12.29 1.05
N THR A 68 -12.19 -12.49 2.16
CA THR A 68 -12.79 -13.09 3.34
C THR A 68 -13.85 -12.17 3.97
N PHE A 69 -13.89 -10.90 3.56
CA PHE A 69 -14.97 -10.02 4.00
C PHE A 69 -16.34 -10.65 3.71
N MLY A 70 -16.43 -11.39 2.61
CA MLY A 70 -17.69 -11.96 2.13
CB MLY A 70 -17.57 -12.34 0.65
CG MLY A 70 -17.16 -11.20 -0.26
CD MLY A 70 -16.88 -11.67 -1.68
CE MLY A 70 -18.13 -12.12 -2.37
NZ MLY A 70 -18.06 -11.83 -3.83
C MLY A 70 -18.12 -13.19 2.94
O MLY A 70 -19.21 -13.69 2.73
N ASN A 71 -17.23 -13.67 3.81
CA ASN A 71 -17.55 -14.76 4.74
C ASN A 71 -18.00 -14.24 6.09
N ALA B 1 -10.42 19.66 -5.68
CA ALA B 1 -10.43 18.24 -5.20
C ALA B 1 -9.69 17.34 -6.19
N ASN B 2 -9.08 16.26 -5.69
CA ASN B 2 -8.26 15.39 -6.55
C ASN B 2 -8.01 13.98 -5.99
N GLU B 3 -9.00 13.37 -5.34
CA GLU B 3 -8.76 12.05 -4.74
C GLU B 3 -9.67 10.90 -5.19
N SER B 4 -10.41 11.15 -6.26
CA SER B 4 -11.35 10.15 -6.75
CA SER B 4 -11.38 10.23 -6.83
C SER B 4 -10.75 9.21 -7.77
N ALA B 5 -11.38 8.06 -7.94
CA ALA B 5 -10.96 7.11 -8.94
C ALA B 5 -10.85 7.75 -10.32
N MLY B 6 -11.76 8.67 -10.63
CA MLY B 6 -11.76 9.36 -11.93
CB MLY B 6 -13.04 10.19 -12.09
CG MLY B 6 -14.34 9.36 -12.20
CD MLY B 6 -15.57 10.28 -12.14
CE MLY B 6 -16.91 9.52 -12.11
NZ MLY B 6 -18.04 10.47 -11.91
CH1 MLY B 6 -19.27 9.74 -11.54
CH2 MLY B 6 -18.28 11.28 -13.11
C MLY B 6 -10.56 10.23 -12.15
O MLY B 6 -10.28 10.64 -13.27
N ASP B 7 -9.84 10.56 -11.08
CA ASP B 7 -8.71 11.48 -11.12
C ASP B 7 -7.38 10.76 -11.29
N MET B 8 -7.38 9.44 -11.29
CA MET B 8 -6.11 8.69 -11.32
C MET B 8 -5.30 9.00 -12.57
N THR B 9 -4.01 9.28 -12.39
CA THR B 9 -3.14 9.48 -13.52
C THR B 9 -2.64 8.15 -14.07
N CYS B 10 -2.20 8.17 -15.32
CA CYS B 10 -1.60 6.95 -15.88
C CYS B 10 -0.36 6.48 -15.12
N GLN B 11 0.47 7.41 -14.64
CA GLN B 11 1.61 7.02 -13.80
C GLN B 11 1.14 6.30 -12.53
N GLU B 12 0.10 6.82 -11.89
CA GLU B 12 -0.45 6.16 -10.71
C GLU B 12 -0.94 4.77 -11.06
N PHE B 13 -1.57 4.63 -12.22
CA PHE B 13 -2.11 3.34 -12.66
C PHE B 13 -1.01 2.30 -12.82
N ILE B 14 0.06 2.67 -13.49
CA ILE B 14 1.11 1.71 -13.73
C ILE B 14 1.89 1.40 -12.44
N ASP B 15 1.76 2.28 -11.45
CA ASP B 15 2.36 2.09 -10.11
C ASP B 15 1.46 1.34 -9.13
N LEU B 16 0.27 0.91 -9.54
CA LEU B 16 -0.66 0.24 -8.63
C LEU B 16 -0.15 -1.13 -8.20
N ASN B 17 -0.62 -1.57 -7.05
CA ASN B 17 -0.57 -2.98 -6.73
C ASN B 17 -1.08 -3.71 -7.96
N PRO B 18 -0.30 -4.68 -8.50
CA PRO B 18 -0.77 -5.36 -9.72
C PRO B 18 -2.15 -6.02 -9.61
N MLY B 19 -2.52 -6.42 -8.40
CA MLY B 19 -3.80 -7.05 -8.15
CB MLY B 19 -3.83 -7.66 -6.75
CG MLY B 19 -2.76 -8.74 -6.55
CD MLY B 19 -2.57 -9.07 -5.07
CE MLY B 19 -1.47 -10.09 -4.83
NZ MLY B 19 -0.23 -9.43 -4.37
CH1 MLY B 19 0.31 -8.50 -5.37
CH2 MLY B 19 0.79 -10.44 -3.98
C MLY B 19 -4.96 -6.08 -8.28
O MLY B 19 -6.11 -6.51 -8.39
N ALA B 20 -4.67 -4.78 -8.28
CA ALA B 20 -5.71 -3.75 -8.42
C ALA B 20 -5.96 -3.28 -9.84
N MET B 21 -5.06 -3.61 -10.77
CA MET B 21 -5.11 -3.03 -12.11
C MET B 21 -6.37 -3.42 -12.87
N THR B 22 -6.72 -4.70 -12.83
CA THR B 22 -7.92 -5.11 -13.56
C THR B 22 -9.21 -4.48 -13.00
N PRO B 23 -9.42 -4.51 -11.68
CA PRO B 23 -10.64 -3.85 -11.16
C PRO B 23 -10.67 -2.36 -11.47
N VAL B 24 -9.54 -1.67 -11.35
CA VAL B 24 -9.50 -0.24 -11.64
C VAL B 24 -9.79 0.03 -13.11
N ALA B 25 -9.20 -0.76 -14.02
CA ALA B 25 -9.45 -0.58 -15.43
C ALA B 25 -10.91 -0.90 -15.77
N TRP B 26 -11.42 -1.98 -15.19
CA TRP B 26 -12.81 -2.38 -15.42
C TRP B 26 -13.77 -1.24 -15.02
N TRP B 27 -13.56 -0.70 -13.83
CA TRP B 27 -14.42 0.39 -13.37
C TRP B 27 -14.37 1.61 -14.31
N MET B 28 -13.15 1.93 -14.77
CA MET B 28 -13.00 3.03 -15.72
C MET B 28 -13.77 2.77 -17.00
N LEU B 29 -13.73 1.53 -17.48
CA LEU B 29 -14.38 1.18 -18.74
C LEU B 29 -15.89 1.07 -18.61
N HIS B 30 -16.39 0.73 -17.43
CA HIS B 30 -17.82 0.39 -17.27
C HIS B 30 -18.65 1.37 -16.45
N GLU B 31 -18.04 2.13 -15.54
CA GLU B 31 -18.85 3.01 -14.72
CA GLU B 31 -18.83 3.04 -14.71
C GLU B 31 -19.54 4.03 -15.62
N GLU B 32 -20.81 4.30 -15.32
CA GLU B 32 -21.67 5.19 -16.11
C GLU B 32 -22.13 4.65 -17.47
N THR B 33 -21.76 3.41 -17.81
CA THR B 33 -22.27 2.80 -19.03
C THR B 33 -23.49 1.95 -18.72
N VAL B 34 -24.27 1.67 -19.76
CA VAL B 34 -25.41 0.80 -19.63
C VAL B 34 -24.93 -0.62 -19.39
N TYR B 35 -25.51 -1.28 -18.40
CA TYR B 35 -25.12 -2.63 -18.06
C TYR B 35 -25.73 -3.60 -19.08
N MLY B 36 -24.86 -4.32 -19.78
CA MLY B 36 -25.25 -5.21 -20.87
CB MLY B 36 -24.66 -4.71 -22.19
CG MLY B 36 -25.28 -3.42 -22.69
CD MLY B 36 -24.87 -3.13 -24.12
CE MLY B 36 -25.25 -1.71 -24.52
NZ MLY B 36 -24.75 -1.35 -25.89
C MLY B 36 -24.80 -6.65 -20.60
O MLY B 36 -24.79 -7.51 -21.52
N GLY B 37 -24.45 -6.92 -19.36
CA GLY B 37 -23.95 -8.20 -18.97
C GLY B 37 -25.09 -9.14 -18.72
N GLY B 38 -24.75 -10.35 -18.32
CA GLY B 38 -25.74 -11.34 -18.00
C GLY B 38 -26.20 -11.18 -16.58
N ASP B 39 -26.67 -12.30 -16.03
CA ASP B 39 -27.25 -12.32 -14.70
C ASP B 39 -26.27 -11.85 -13.67
N THR B 40 -24.99 -12.27 -13.81
CA THR B 40 -23.94 -11.90 -12.85
C THR B 40 -22.85 -11.03 -13.50
N VAL B 41 -22.17 -10.27 -12.65
CA VAL B 41 -21.10 -9.37 -13.08
C VAL B 41 -19.84 -10.18 -13.33
N THR B 42 -19.40 -10.22 -14.58
CA THR B 42 -18.20 -10.94 -14.93
C THR B 42 -17.45 -10.21 -16.03
N LEU B 43 -16.15 -10.48 -16.14
CA LEU B 43 -15.37 -10.02 -17.26
C LEU B 43 -15.88 -10.63 -18.56
N ASN B 44 -15.80 -9.85 -19.64
CA ASN B 44 -16.17 -10.34 -20.97
C ASN B 44 -14.99 -10.24 -21.95
N GLU B 45 -15.20 -10.68 -23.18
CA GLU B 45 -14.11 -10.67 -24.15
CA GLU B 45 -14.12 -10.68 -24.17
C GLU B 45 -13.69 -9.26 -24.57
N THR B 46 -14.61 -8.32 -24.51
CA THR B 46 -14.24 -6.93 -24.78
C THR B 46 -13.28 -6.42 -23.70
N ASP B 47 -13.53 -6.79 -22.45
CA ASP B 47 -12.58 -6.48 -21.37
C ASP B 47 -11.21 -7.10 -21.61
N LEU B 48 -11.21 -8.33 -22.11
CA LEU B 48 -9.96 -9.05 -22.40
C LEU B 48 -9.11 -8.30 -23.41
N THR B 49 -9.75 -7.68 -24.39
CA THR B 49 -8.95 -6.95 -25.37
CA THR B 49 -9.07 -6.90 -25.42
C THR B 49 -8.69 -5.52 -24.92
N GLN B 50 -9.63 -4.89 -24.20
CA GLN B 50 -9.44 -3.48 -23.84
C GLN B 50 -8.52 -3.27 -22.66
N ILE B 51 -8.60 -4.11 -21.63
CA ILE B 51 -7.77 -3.85 -20.44
C ILE B 51 -6.27 -3.87 -20.73
N PRO B 52 -5.76 -4.79 -21.56
CA PRO B 52 -4.35 -4.67 -22.00
C PRO B 52 -4.04 -3.37 -22.77
N MLY B 53 -5.00 -2.87 -23.53
CA MLY B 53 -4.82 -1.61 -24.25
CB MLY B 53 -5.92 -1.38 -25.29
CG MLY B 53 -5.81 -2.31 -26.51
CD MLY B 53 -6.93 -2.05 -27.51
CE MLY B 53 -6.96 -3.11 -28.60
NZ MLY B 53 -7.89 -2.77 -29.71
C MLY B 53 -4.74 -0.44 -23.27
O MLY B 53 -4.01 0.50 -23.50
N VAL B 54 -5.49 -0.51 -22.17
CA VAL B 54 -5.42 0.51 -21.10
C VAL B 54 -4.02 0.55 -20.49
N ILE B 55 -3.48 -0.62 -20.15
CA ILE B 55 -2.13 -0.72 -19.62
C ILE B 55 -1.10 -0.14 -20.62
N GLU B 56 -1.18 -0.53 -21.88
CA GLU B 56 -0.29 0.01 -22.90
C GLU B 56 -0.41 1.54 -23.02
N TYR B 57 -1.64 2.04 -23.03
CA TYR B 57 -1.89 3.48 -23.14
C TYR B 57 -1.21 4.23 -22.01
N CYS B 58 -1.39 3.75 -20.79
CA CYS B 58 -0.82 4.46 -19.64
C CYS B 58 0.70 4.34 -19.57
N MLY B 59 1.25 3.23 -20.05
CA MLY B 59 2.71 3.07 -20.11
CB MLY B 59 3.11 1.64 -20.45
CG MLY B 59 2.91 0.62 -19.31
CD MLY B 59 3.60 -0.71 -19.59
CE MLY B 59 3.34 -1.73 -18.48
NZ MLY B 59 4.23 -2.95 -18.55
C MLY B 59 3.30 4.07 -21.13
O MLY B 59 4.35 4.65 -20.87
N MLY B 60 2.61 4.26 -22.25
CA MLY B 60 3.07 5.17 -23.31
CB MLY B 60 2.38 4.84 -24.63
CG MLY B 60 2.85 3.57 -25.32
CD MLY B 60 2.30 3.48 -26.76
CE MLY B 60 2.38 2.07 -27.35
NZ MLY B 60 2.11 2.06 -28.83
C MLY B 60 2.82 6.64 -22.96
O MLY B 60 3.51 7.52 -23.47
N ASN B 61 1.80 6.90 -22.14
CA ASN B 61 1.38 8.28 -21.81
C ASN B 61 1.23 8.46 -20.29
N PRO B 62 2.32 8.30 -19.53
CA PRO B 62 2.25 8.36 -18.07
C PRO B 62 1.74 9.69 -17.52
N GLN B 63 1.87 10.74 -18.33
CA GLN B 63 1.46 12.09 -17.96
C GLN B 63 -0.04 12.33 -18.13
N MLY B 64 -0.71 11.46 -18.88
CA MLY B 64 -2.13 11.62 -19.08
CB MLY B 64 -2.53 11.07 -20.43
CG MLY B 64 -1.96 11.95 -21.53
CD MLY B 64 -2.61 11.59 -22.86
CE MLY B 64 -4.01 12.19 -23.03
NZ MLY B 64 -4.08 13.66 -23.03
CH1 MLY B 64 -5.48 14.02 -23.30
CH2 MLY B 64 -3.24 14.27 -24.07
C MLY B 64 -2.90 10.95 -17.99
O MLY B 64 -2.35 10.12 -17.25
N ASN B 65 -4.17 11.29 -17.87
CA ASN B 65 -5.04 10.64 -16.90
C ASN B 65 -5.63 9.34 -17.41
N LEU B 66 -5.77 8.37 -16.52
CA LEU B 66 -6.32 7.07 -16.86
C LEU B 66 -7.61 7.17 -17.68
N TYR B 67 -8.52 8.02 -17.23
CA TYR B 67 -9.87 8.08 -17.81
C TYR B 67 -9.89 8.68 -19.19
N THR B 68 -8.79 9.32 -19.59
CA THR B 68 -8.71 9.82 -20.97
C THR B 68 -8.54 8.69 -21.98
N PHE B 69 -8.29 7.47 -21.51
CA PHE B 69 -8.33 6.31 -22.42
C PHE B 69 -9.63 6.27 -23.22
N MLY B 70 -10.73 6.67 -22.59
CA MLY B 70 -12.04 6.61 -23.22
CB MLY B 70 -13.13 6.84 -22.17
CG MLY B 70 -13.11 5.85 -21.04
CD MLY B 70 -14.15 6.22 -19.97
CE MLY B 70 -15.54 5.80 -20.39
NZ MLY B 70 -16.45 5.80 -19.24
CH1 MLY B 70 -17.15 4.52 -19.17
CH2 MLY B 70 -17.44 6.89 -19.38
C MLY B 70 -12.24 7.61 -24.33
O MLY B 70 -13.21 7.50 -25.09
N ASN B 71 -11.34 8.58 -24.43
CA ASN B 71 -11.43 9.64 -25.47
C ASN B 71 -10.55 9.29 -26.68
N GLU C 3 2.48 13.24 9.60
CA GLU C 3 2.85 12.05 8.78
C GLU C 3 4.28 11.58 9.06
N SER C 4 4.79 11.89 10.26
CA SER C 4 6.11 11.42 10.67
C SER C 4 5.98 10.09 11.40
N ALA C 5 7.09 9.38 11.48
CA ALA C 5 7.13 8.08 12.12
C ALA C 5 6.63 8.12 13.57
N MLY C 6 7.02 9.17 14.30
CA MLY C 6 6.64 9.33 15.70
CB MLY C 6 7.34 10.54 16.33
CG MLY C 6 6.87 11.90 15.76
CD MLY C 6 7.55 13.07 16.47
CE MLY C 6 6.87 14.39 16.14
NZ MLY C 6 7.58 15.55 16.76
C MLY C 6 5.13 9.44 15.94
O MLY C 6 4.66 9.29 17.08
N ASP C 7 4.37 9.70 14.88
CA ASP C 7 2.92 9.90 14.97
C ASP C 7 2.13 8.62 14.67
N MET C 8 2.82 7.54 14.38
CA MET C 8 2.15 6.30 14.02
C MET C 8 1.43 5.67 15.23
N THR C 9 0.17 5.29 15.06
CA THR C 9 -0.55 4.60 16.13
C THR C 9 -0.21 3.10 16.10
N CYS C 10 -0.51 2.42 17.20
CA CYS C 10 -0.37 0.98 17.25
C CYS C 10 -1.22 0.25 16.21
N GLN C 11 -2.43 0.75 15.97
CA GLN C 11 -3.28 0.17 14.95
C GLN C 11 -2.64 0.31 13.58
N GLU C 12 -2.06 1.47 13.29
CA GLU C 12 -1.35 1.66 12.02
C GLU C 12 -0.19 0.69 11.91
N PHE C 13 0.52 0.49 13.02
CA PHE C 13 1.65 -0.41 13.02
C PHE C 13 1.24 -1.84 12.70
N ILE C 14 0.20 -2.32 13.36
CA ILE C 14 -0.25 -3.69 13.12
C ILE C 14 -0.79 -3.85 11.70
N ASP C 15 -1.19 -2.74 11.08
CA ASP C 15 -1.71 -2.75 9.72
C ASP C 15 -0.65 -2.56 8.66
N LEU C 16 0.61 -2.42 9.04
CA LEU C 16 1.67 -2.18 8.07
C LEU C 16 1.88 -3.36 7.15
N ASN C 17 2.42 -3.08 5.98
CA ASN C 17 3.04 -4.14 5.21
C ASN C 17 3.98 -4.91 6.15
N PRO C 18 3.82 -6.24 6.23
CA PRO C 18 4.70 -6.97 7.15
C PRO C 18 6.19 -6.72 6.91
N MLY C 19 6.57 -6.40 5.68
CA MLY C 19 7.97 -6.13 5.31
CB MLY C 19 8.14 -6.17 3.79
CG MLY C 19 7.73 -7.52 3.17
CD MLY C 19 7.55 -7.38 1.66
CE MLY C 19 7.17 -8.70 0.99
NZ MLY C 19 5.78 -9.17 1.21
CH1 MLY C 19 5.26 -9.81 -0.02
CH2 MLY C 19 4.80 -8.21 1.71
C MLY C 19 8.48 -4.81 5.85
O MLY C 19 9.69 -4.54 5.81
N ALA C 20 7.59 -3.98 6.36
CA ALA C 20 7.94 -2.72 6.99
C ALA C 20 8.00 -2.78 8.52
N MET C 21 7.48 -3.84 9.13
CA MET C 21 7.33 -3.86 10.59
C MET C 21 8.67 -3.83 11.31
N THR C 22 9.65 -4.57 10.81
CA THR C 22 10.96 -4.59 11.47
C THR C 22 11.68 -3.25 11.39
N PRO C 23 11.77 -2.63 10.21
CA PRO C 23 12.42 -1.31 10.18
C PRO C 23 11.67 -0.29 11.03
N VAL C 24 10.35 -0.31 11.01
CA VAL C 24 9.58 0.69 11.75
C VAL C 24 9.78 0.47 13.26
N ALA C 25 9.70 -0.78 13.72
CA ALA C 25 9.90 -1.05 15.16
C ALA C 25 11.33 -0.73 15.57
N TRP C 26 12.31 -1.10 14.75
CA TRP C 26 13.72 -0.83 15.04
C TRP C 26 13.96 0.67 15.19
N TRP C 27 13.38 1.44 14.27
CA TRP C 27 13.58 2.88 14.29
C TRP C 27 12.98 3.47 15.57
N MET C 28 11.78 3.02 15.93
CA MET C 28 11.16 3.46 17.17
C MET C 28 12.04 3.14 18.37
N LEU C 29 12.66 1.95 18.37
CA LEU C 29 13.45 1.52 19.52
C LEU C 29 14.81 2.21 19.61
N HIS C 30 15.36 2.61 18.45
CA HIS C 30 16.74 3.07 18.36
C HIS C 30 16.97 4.54 17.98
N GLU C 31 16.04 5.17 17.27
CA GLU C 31 16.28 6.55 16.83
CA GLU C 31 16.27 6.55 16.83
C GLU C 31 16.53 7.43 18.06
N GLU C 32 17.53 8.31 17.94
CA GLU C 32 17.94 9.24 18.99
C GLU C 32 18.46 8.59 20.28
N THR C 33 18.78 7.30 20.22
CA THR C 33 19.46 6.62 21.33
C THR C 33 20.93 6.49 21.00
N VAL C 34 21.73 6.25 22.04
CA VAL C 34 23.16 6.03 21.86
C VAL C 34 23.35 4.71 21.11
N TYR C 35 24.15 4.75 20.06
CA TYR C 35 24.45 3.57 19.28
C TYR C 35 25.40 2.67 20.07
N MLY C 36 25.01 1.41 20.25
CA MLY C 36 25.79 0.45 21.06
CB MLY C 36 25.02 0.10 22.34
CG MLY C 36 24.98 1.21 23.38
CD MLY C 36 24.20 0.80 24.60
CE MLY C 36 23.98 1.98 25.53
NZ MLY C 36 23.17 1.61 26.73
C MLY C 36 26.16 -0.83 20.32
O MLY C 36 26.71 -1.75 20.93
N GLY C 37 25.90 -0.90 19.01
CA GLY C 37 26.25 -2.08 18.24
C GLY C 37 27.75 -2.19 17.96
N GLY C 38 28.13 -3.17 17.16
CA GLY C 38 29.44 -3.21 16.55
C GLY C 38 29.49 -2.15 15.47
N ASP C 39 30.47 -2.23 14.58
CA ASP C 39 30.67 -1.18 13.58
C ASP C 39 29.59 -1.14 12.49
N THR C 40 28.88 -2.26 12.31
CA THR C 40 27.86 -2.38 11.27
C THR C 40 26.46 -2.31 11.87
N VAL C 41 25.56 -1.59 11.19
CA VAL C 41 24.17 -1.49 11.63
C VAL C 41 23.48 -2.84 11.46
N THR C 42 22.97 -3.40 12.55
CA THR C 42 22.34 -4.72 12.51
C THR C 42 21.31 -4.88 13.61
N LEU C 43 20.36 -5.79 13.39
CA LEU C 43 19.59 -6.33 14.49
C LEU C 43 20.54 -6.96 15.51
N ASN C 44 20.24 -6.78 16.78
CA ASN C 44 20.97 -7.44 17.86
C ASN C 44 20.05 -8.33 18.71
N GLU C 45 20.63 -8.95 19.74
CA GLU C 45 19.90 -9.92 20.56
C GLU C 45 18.73 -9.27 21.28
N THR C 46 18.91 -8.03 21.75
CA THR C 46 17.82 -7.32 22.43
C THR C 46 16.68 -7.03 21.47
N ASP C 47 16.99 -6.70 20.20
CA ASP C 47 15.93 -6.53 19.20
C ASP C 47 15.09 -7.77 19.02
N LEU C 48 15.72 -8.93 19.11
CA LEU C 48 15.01 -10.19 18.91
C LEU C 48 13.94 -10.42 19.97
N THR C 49 14.12 -9.91 21.18
CA THR C 49 13.05 -9.99 22.19
C THR C 49 12.17 -8.76 22.18
N GLN C 50 12.72 -7.59 21.88
CA GLN C 50 11.92 -6.37 21.95
C GLN C 50 10.94 -6.24 20.79
N ILE C 51 11.36 -6.54 19.57
CA ILE C 51 10.47 -6.34 18.44
C ILE C 51 9.18 -7.17 18.55
N PRO C 52 9.29 -8.47 18.90
CA PRO C 52 8.03 -9.20 19.18
C PRO C 52 7.17 -8.56 20.28
N MLY C 53 7.78 -7.99 21.31
CA MLY C 53 7.02 -7.32 22.39
CA MLY C 53 7.03 -7.32 22.38
CB MLY C 53 7.93 -6.96 23.56
CB MLY C 53 7.95 -6.93 23.53
CG MLY C 53 8.35 -8.15 24.40
CG MLY C 53 8.42 -8.10 24.35
CD MLY C 53 8.93 -7.73 25.73
CD MLY C 53 9.46 -7.70 25.36
CE MLY C 53 9.55 -8.91 26.46
CE MLY C 53 9.93 -8.90 26.14
NZ MLY C 53 10.12 -8.55 27.80
NZ MLY C 53 8.76 -9.65 26.70
C MLY C 53 6.28 -6.09 21.88
O MLY C 53 5.17 -5.81 22.32
N VAL C 54 6.88 -5.36 20.94
CA VAL C 54 6.24 -4.19 20.34
C VAL C 54 4.97 -4.62 19.61
N ILE C 55 5.08 -5.71 18.89
CA ILE C 55 3.93 -6.26 18.17
C ILE C 55 2.78 -6.62 19.12
N GLU C 56 3.10 -7.34 20.19
CA GLU C 56 2.07 -7.74 21.16
C GLU C 56 1.48 -6.55 21.90
N TYR C 57 2.33 -5.59 22.26
CA TYR C 57 1.90 -4.36 22.89
C TYR C 57 0.89 -3.61 22.02
N CYS C 58 1.18 -3.52 20.72
CA CYS C 58 0.31 -2.76 19.83
C CYS C 58 -1.01 -3.48 19.56
N MLY C 59 -1.00 -4.81 19.56
CA MLY C 59 -2.24 -5.58 19.47
CB MLY C 59 -1.97 -7.07 19.27
CG MLY C 59 -1.44 -7.41 17.88
CD MLY C 59 -1.07 -8.88 17.73
CE MLY C 59 -0.54 -9.17 16.34
NZ MLY C 59 -0.16 -10.60 16.16
C MLY C 59 -3.14 -5.36 20.70
O MLY C 59 -4.36 -5.29 20.57
N MLY C 60 -2.52 -5.24 21.88
CA MLY C 60 -3.25 -5.00 23.12
CB MLY C 60 -2.35 -5.37 24.32
CG MLY C 60 -3.04 -5.44 25.65
CD MLY C 60 -2.12 -5.98 26.74
CE MLY C 60 -2.87 -6.23 28.03
NZ MLY C 60 -2.02 -6.90 29.06
C MLY C 60 -3.72 -3.55 23.26
O MLY C 60 -4.73 -3.29 23.91
N ASN C 61 -2.99 -2.62 22.65
CA ASN C 61 -3.21 -1.18 22.82
C ASN C 61 -3.31 -0.44 21.48
N PRO C 62 -4.22 -0.87 20.60
CA PRO C 62 -4.27 -0.33 19.24
C PRO C 62 -4.46 1.20 19.14
N GLN C 63 -5.12 1.82 20.10
CA GLN C 63 -5.35 3.26 20.02
C GLN C 63 -4.20 4.10 20.54
N MLY C 64 -3.25 3.48 21.25
CA MLY C 64 -2.10 4.21 21.75
CB MLY C 64 -1.42 3.43 22.87
CG MLY C 64 -2.21 3.38 24.17
CD MLY C 64 -1.34 2.86 25.31
CE MLY C 64 -2.05 2.88 26.64
NZ MLY C 64 -1.11 2.57 27.73
C MLY C 64 -1.10 4.40 20.62
O MLY C 64 -1.13 3.68 19.62
N ASN C 65 -0.27 5.43 20.74
CA ASN C 65 0.79 5.67 19.78
C ASN C 65 1.86 4.60 19.93
N LEU C 66 2.41 4.17 18.79
CA LEU C 66 3.47 3.17 18.77
C LEU C 66 4.61 3.52 19.76
N TYR C 67 4.99 4.79 19.79
CA TYR C 67 6.16 5.21 20.57
C TYR C 67 5.92 5.16 22.09
N THR C 68 4.67 5.01 22.53
CA THR C 68 4.39 4.79 23.95
C THR C 68 4.88 3.44 24.45
N PHE C 69 5.25 2.53 23.55
CA PHE C 69 5.92 1.29 23.95
C PHE C 69 7.10 1.59 24.88
N MLY C 70 7.80 2.70 24.60
CA MLY C 70 9.00 3.08 25.35
CB MLY C 70 9.77 4.19 24.61
CG MLY C 70 10.47 3.63 23.38
CD MLY C 70 11.03 4.67 22.40
CE MLY C 70 11.85 5.83 22.99
NZ MLY C 70 13.30 5.56 23.15
CH1 MLY C 70 13.97 5.25 21.86
CH2 MLY C 70 13.54 4.47 24.11
C MLY C 70 8.73 3.54 26.76
O MLY C 70 9.63 3.53 27.59
N ASN C 71 7.49 3.95 27.04
CA ASN C 71 7.09 4.36 28.39
C ASN C 71 6.66 3.17 29.26
N GLN C 72 6.89 1.95 28.77
CA GLN C 72 6.53 0.70 29.46
C GLN C 72 5.07 0.37 29.20
N GLU D 3 9.17 -12.29 3.57
CA GLU D 3 8.42 -11.22 4.29
C GLU D 3 9.35 -10.27 5.05
N SER D 4 10.60 -10.24 4.64
CA SER D 4 11.61 -9.39 5.23
C SER D 4 11.66 -8.07 4.49
N ALA D 5 12.29 -7.09 5.10
CA ALA D 5 12.41 -5.77 4.50
C ALA D 5 13.02 -5.83 3.09
N MLY D 6 14.01 -6.70 2.88
CA MLY D 6 14.69 -6.77 1.60
CB MLY D 6 16.02 -7.53 1.73
CG MLY D 6 15.86 -9.02 1.95
CD MLY D 6 17.19 -9.75 1.91
CE MLY D 6 16.99 -11.28 1.92
NZ MLY D 6 18.27 -12.04 2.05
C MLY D 6 13.84 -7.37 0.48
O MLY D 6 14.23 -7.26 -0.70
N ASP D 7 12.69 -7.95 0.82
CA ASP D 7 11.75 -8.51 -0.14
C ASP D 7 10.74 -7.48 -0.65
N MET D 8 10.77 -6.27 -0.11
CA MET D 8 9.78 -5.25 -0.49
C MET D 8 9.97 -4.78 -1.93
N THR D 9 8.89 -4.76 -2.71
CA THR D 9 8.98 -4.18 -4.04
C THR D 9 8.79 -2.66 -3.96
N CYS D 10 9.19 -1.99 -5.03
CA CYS D 10 8.97 -0.55 -5.16
C CYS D 10 7.49 -0.16 -5.08
N GLN D 11 6.61 -0.94 -5.68
CA GLN D 11 5.17 -0.67 -5.56
C GLN D 11 4.75 -0.76 -4.09
N GLU D 12 5.22 -1.77 -3.37
CA GLU D 12 4.89 -1.87 -1.96
C GLU D 12 5.38 -0.65 -1.19
N PHE D 13 6.58 -0.16 -1.51
CA PHE D 13 7.13 1.01 -0.85
C PHE D 13 6.27 2.26 -1.09
N ILE D 14 5.90 2.47 -2.37
N ILE D 14 5.88 2.52 -2.32
CA ILE D 14 5.02 3.57 -2.78
CA ILE D 14 5.11 3.74 -2.54
C ILE D 14 3.76 3.58 -1.95
C ILE D 14 3.70 3.62 -1.96
N ASP D 15 3.25 2.39 -1.69
CA ASP D 15 1.94 2.19 -1.02
C ASP D 15 2.02 2.16 0.51
N LEU D 16 3.23 2.23 1.07
CA LEU D 16 3.34 2.23 2.53
C LEU D 16 2.57 3.36 3.20
N ASN D 17 2.09 3.10 4.40
CA ASN D 17 1.69 4.18 5.29
C ASN D 17 2.83 5.21 5.24
N PRO D 18 2.52 6.46 4.89
CA PRO D 18 3.63 7.42 4.75
C PRO D 18 4.51 7.57 6.00
N MLY D 19 3.94 7.30 7.17
CA MLY D 19 4.67 7.34 8.43
CB MLY D 19 3.73 7.22 9.63
CG MLY D 19 2.75 8.39 9.70
CD MLY D 19 1.51 8.07 10.53
CE MLY D 19 0.49 9.21 10.47
NZ MLY D 19 -0.85 8.77 10.85
CH1 MLY D 19 -1.91 9.55 10.17
CH2 MLY D 19 -1.07 9.00 12.29
C MLY D 19 5.74 6.30 8.51
O MLY D 19 6.65 6.42 9.32
N ALA D 20 5.65 5.24 7.67
CA ALA D 20 6.67 4.18 7.63
C ALA D 20 7.78 4.42 6.62
N MET D 21 7.63 5.43 5.74
CA MET D 21 8.56 5.55 4.62
C MET D 21 9.97 5.92 5.06
N THR D 22 10.12 6.84 6.00
CA THR D 22 11.46 7.20 6.43
C THR D 22 12.20 6.04 7.11
N PRO D 23 11.57 5.35 8.09
CA PRO D 23 12.26 4.22 8.68
C PRO D 23 12.60 3.12 7.67
N VAL D 24 11.68 2.80 6.75
CA VAL D 24 11.94 1.78 5.76
C VAL D 24 13.07 2.18 4.83
N ALA D 25 13.04 3.41 4.31
CA ALA D 25 14.14 3.88 3.46
C ALA D 25 15.46 3.91 4.22
N TRP D 26 15.46 4.39 5.47
CA TRP D 26 16.70 4.45 6.27
C TRP D 26 17.29 3.06 6.43
N TRP D 27 16.44 2.09 6.76
CA TRP D 27 16.89 0.73 6.95
C TRP D 27 17.49 0.17 5.65
N MET D 28 16.84 0.44 4.53
CA MET D 28 17.38 0.00 3.25
C MET D 28 18.76 0.60 2.97
N LEU D 29 18.90 1.89 3.28
CA LEU D 29 20.15 2.61 3.03
C LEU D 29 21.28 2.22 3.98
N HIS D 30 20.94 1.77 5.19
CA HIS D 30 21.93 1.63 6.26
C HIS D 30 22.11 0.24 6.85
N GLU D 31 21.11 -0.63 6.81
CA GLU D 31 21.28 -1.92 7.46
C GLU D 31 22.40 -2.68 6.75
N GLU D 32 23.25 -3.34 7.54
N GLU D 32 23.23 -3.37 7.55
CA GLU D 32 24.38 -4.12 7.05
CA GLU D 32 24.41 -4.10 7.06
C GLU D 32 25.51 -3.29 6.44
C GLU D 32 25.41 -3.24 6.32
N THR D 33 25.52 -2.00 6.75
CA THR D 33 26.60 -1.10 6.34
C THR D 33 27.26 -0.59 7.60
N VAL D 34 28.49 -0.12 7.47
CA VAL D 34 29.19 0.47 8.60
CA VAL D 34 29.20 0.46 8.60
C VAL D 34 28.48 1.76 8.97
N TYR D 35 28.27 1.95 10.27
CA TYR D 35 27.56 3.18 10.70
CA TYR D 35 27.60 3.10 10.83
C TYR D 35 28.55 4.32 10.86
N MLY D 36 28.23 5.38 10.12
CA MLY D 36 29.08 6.58 10.07
CB MLY D 36 29.34 6.97 8.61
CG MLY D 36 29.87 5.85 7.73
CD MLY D 36 30.37 6.40 6.41
CE MLY D 36 31.03 5.32 5.57
NZ MLY D 36 31.48 5.83 4.25
C MLY D 36 28.43 7.78 10.74
O MLY D 36 29.07 8.82 10.88
N GLY D 37 27.18 7.63 11.17
CA GLY D 37 26.35 8.78 11.52
C GLY D 37 26.49 9.35 12.92
N GLY D 38 27.56 8.99 13.64
CA GLY D 38 27.87 9.62 14.92
C GLY D 38 27.51 8.80 16.15
N ASP D 39 27.38 9.47 17.29
CA ASP D 39 27.20 8.79 18.59
C ASP D 39 25.78 8.26 18.82
N THR D 40 24.79 8.96 18.25
CA THR D 40 23.40 8.55 18.35
C THR D 40 22.89 8.17 16.98
N VAL D 41 21.81 7.39 16.97
CA VAL D 41 21.17 6.97 15.73
C VAL D 41 20.27 8.13 15.31
N THR D 42 20.56 8.71 14.17
N THR D 42 20.59 8.78 14.21
CA THR D 42 19.80 9.87 13.71
CA THR D 42 19.75 9.87 13.71
C THR D 42 19.87 9.95 12.20
C THR D 42 19.94 10.07 12.23
N LEU D 43 18.95 10.70 11.61
CA LEU D 43 19.01 11.02 10.19
C LEU D 43 20.13 12.02 9.96
N ASN D 44 20.82 11.88 8.85
CA ASN D 44 21.83 12.86 8.43
C ASN D 44 21.34 13.58 7.16
N GLU D 45 22.08 14.58 6.70
CA GLU D 45 21.69 15.37 5.52
C GLU D 45 21.55 14.49 4.28
N THR D 46 22.46 13.53 4.13
CA THR D 46 22.45 12.58 3.02
C THR D 46 21.14 11.75 3.00
N ASP D 47 20.69 11.29 4.17
CA ASP D 47 19.38 10.64 4.27
C ASP D 47 18.26 11.53 3.76
N LEU D 48 18.29 12.81 4.15
CA LEU D 48 17.24 13.77 3.77
C LEU D 48 17.19 13.97 2.26
N THR D 49 18.35 13.90 1.60
CA THR D 49 18.44 14.05 0.14
CA THR D 49 18.39 14.07 0.14
C THR D 49 18.02 12.78 -0.58
N GLN D 50 18.42 11.63 -0.02
CA GLN D 50 18.20 10.32 -0.65
C GLN D 50 16.76 9.81 -0.58
N ILE D 51 16.10 10.01 0.56
CA ILE D 51 14.78 9.45 0.75
C ILE D 51 13.77 9.86 -0.35
N PRO D 52 13.72 11.17 -0.69
CA PRO D 52 12.88 11.59 -1.82
C PRO D 52 13.26 10.94 -3.15
N MLY D 53 14.54 10.66 -3.34
CA MLY D 53 14.98 9.97 -4.55
CB MLY D 53 16.50 10.02 -4.68
CG MLY D 53 17.05 11.43 -4.85
CD MLY D 53 18.56 11.40 -5.08
CE MLY D 53 19.12 12.81 -5.21
NZ MLY D 53 20.59 12.78 -5.27
C MLY D 53 14.47 8.53 -4.59
O MLY D 53 14.24 7.99 -5.67
N VAL D 54 14.31 7.91 -3.44
CA VAL D 54 13.81 6.53 -3.37
C VAL D 54 12.35 6.46 -3.85
N ILE D 55 11.50 7.37 -3.37
CA ILE D 55 10.10 7.40 -3.81
C ILE D 55 10.02 7.60 -5.33
N GLU D 56 10.79 8.54 -5.86
CA GLU D 56 10.78 8.78 -7.30
C GLU D 56 11.30 7.57 -8.08
N TYR D 57 12.37 6.94 -7.59
CA TYR D 57 12.92 5.75 -8.24
C TYR D 57 11.88 4.65 -8.29
N CYS D 58 11.18 4.48 -7.18
CA CYS D 58 10.17 3.43 -7.10
C CYS D 58 8.94 3.71 -7.96
N MLY D 59 8.50 4.96 -8.05
CA MLY D 59 7.42 5.30 -8.98
CB MLY D 59 7.02 6.78 -8.85
CG MLY D 59 6.21 7.02 -7.56
CD MLY D 59 5.77 8.48 -7.40
CE MLY D 59 4.90 8.65 -6.16
NZ MLY D 59 4.35 10.01 -6.05
CH1 MLY D 59 5.39 10.97 -5.62
CH2 MLY D 59 3.25 10.02 -5.05
C MLY D 59 7.80 4.99 -10.42
O MLY D 59 6.97 4.53 -11.19
N MLY D 60 9.06 5.21 -10.80
CA MLY D 60 9.49 4.90 -12.16
CB MLY D 60 10.75 5.70 -12.54
CG MLY D 60 10.48 7.19 -12.72
CD MLY D 60 9.59 7.49 -13.94
CE MLY D 60 9.33 8.99 -14.12
NZ MLY D 60 8.74 9.60 -12.89
C MLY D 60 9.71 3.38 -12.39
O MLY D 60 9.63 2.91 -13.53
N ASN D 61 9.99 2.62 -11.32
CA ASN D 61 10.33 1.21 -11.41
C ASN D 61 9.54 0.35 -10.42
N PRO D 62 8.21 0.40 -10.52
CA PRO D 62 7.40 -0.23 -9.46
C PRO D 62 7.58 -1.74 -9.33
N GLN D 63 7.99 -2.41 -10.41
CA GLN D 63 8.17 -3.85 -10.42
CA GLN D 63 8.17 -3.86 -10.43
C GLN D 63 9.49 -4.31 -9.80
N MLY D 64 10.45 -3.39 -9.71
CA MLY D 64 11.76 -3.73 -9.14
CB MLY D 64 12.84 -2.72 -9.55
CG MLY D 64 13.13 -2.71 -11.04
CD MLY D 64 14.40 -1.90 -11.33
CE MLY D 64 14.62 -1.90 -12.84
NZ MLY D 64 15.77 -1.14 -13.38
CH1 MLY D 64 16.75 -2.02 -14.07
CH2 MLY D 64 16.47 -0.26 -12.43
C MLY D 64 11.69 -3.78 -7.65
O MLY D 64 10.85 -3.13 -7.03
N ASN D 65 12.61 -4.53 -7.05
CA ASN D 65 12.72 -4.55 -5.61
C ASN D 65 13.25 -3.21 -5.12
N LEU D 66 12.70 -2.75 -4.00
CA LEU D 66 13.15 -1.52 -3.36
C LEU D 66 14.68 -1.44 -3.23
N TYR D 67 15.30 -2.55 -2.83
CA TYR D 67 16.74 -2.56 -2.54
C TYR D 67 17.63 -2.39 -3.78
N THR D 68 17.05 -2.51 -4.98
CA THR D 68 17.78 -2.22 -6.21
C THR D 68 18.13 -0.73 -6.32
N PHE D 69 17.47 0.12 -5.52
CA PHE D 69 17.87 1.53 -5.43
C PHE D 69 19.38 1.66 -5.17
N MLY D 70 19.91 0.76 -4.35
CA MLY D 70 21.33 0.77 -3.98
CB MLY D 70 21.61 -0.24 -2.87
CG MLY D 70 20.84 0.06 -1.59
CD MLY D 70 21.05 -1.02 -0.53
CE MLY D 70 22.51 -1.16 -0.15
NZ MLY D 70 22.75 -1.85 1.14
CH1 MLY D 70 21.67 -2.78 1.47
CH2 MLY D 70 22.94 -0.87 2.23
C MLY D 70 22.28 0.45 -5.12
O MLY D 70 23.46 0.70 -4.99
N ASN D 71 21.77 -0.16 -6.19
CA ASN D 71 22.57 -0.47 -7.39
C ASN D 71 22.69 0.70 -8.36
N GLN D 72 22.01 1.81 -8.06
CA GLN D 72 21.91 3.01 -8.93
C GLN D 72 20.62 2.93 -9.75
S SO4 E . -29.32 0.20 -3.17
O1 SO4 E . -29.21 1.62 -3.60
O2 SO4 E . -29.96 0.08 -1.85
O3 SO4 E . -29.99 -0.58 -4.22
O4 SO4 E . -27.99 -0.31 -3.01
S SO4 F . 17.50 -11.23 5.86
O1 SO4 F . 17.83 -10.08 6.73
O2 SO4 F . 16.29 -10.90 5.11
O3 SO4 F . 18.62 -11.45 4.93
O4 SO4 F . 17.28 -12.47 6.61
#